data_2IE7
#
_entry.id   2IE7
#
_cell.length_a   157.028
_cell.length_b   157.028
_cell.length_c   37.327
_cell.angle_alpha   90.000
_cell.angle_beta   90.000
_cell.angle_gamma   120.000
#
_symmetry.space_group_name_H-M   'H 3'
#
loop_
_entity.id
_entity.type
_entity.pdbx_description
1 polymer 'Annexin A5'
2 non-polymer 'CALCIUM ION'
3 non-polymer 'SULFATE ION'
4 non-polymer 'NITROUS OXIDE'
5 water water
#
_entity_poly.entity_id   1
_entity_poly.type   'polypeptide(L)'
_entity_poly.pdbx_seq_one_letter_code
;ALRGTVTDFSGFDGRADAEVLRKAMKGLGTDEDSILNLLTARSNAQRQQIAEEFKTLFGRDLVNDMKSELTGKFEKLIVA
LMKPSRLYDAYELKHALKGAGTDEKVLTEIIASRTPEELRAIKQAYEEEYGSNLEDDVVGDTSGYYQRMLVVLLQANRDP
DTAIDDAQVELDAQALFQAGELKWGTDEEKFITILGTRSVSHLRRVFDKYMTISGFQIEETIDRETSGNLENLLLAVVKS
IRSIPAYLAETLYYAMKGAGTDDHTLIRVIVSRSEIDLFNIRKEFRKNFATSLYSMIKGDTSGDYKKALLLLCGGEDD
;
_entity_poly.pdbx_strand_id   A
#
loop_
_chem_comp.id
_chem_comp.type
_chem_comp.name
_chem_comp.formula
CA non-polymer 'CALCIUM ION' 'Ca 2'
N2O non-polymer 'NITROUS OXIDE' 'N2 O'
SO4 non-polymer 'SULFATE ION' 'O4 S -2'
#
# COMPACT_ATOMS: atom_id res chain seq x y z
N ALA A 1 11.88 12.97 -7.54
CA ALA A 1 10.50 12.77 -8.07
C ALA A 1 9.56 12.21 -6.98
N LEU A 2 9.78 10.96 -6.55
CA LEU A 2 8.98 10.34 -5.48
C LEU A 2 9.49 10.82 -4.13
N ARG A 3 8.60 11.29 -3.27
CA ARG A 3 8.99 11.83 -1.95
C ARG A 3 8.06 11.30 -0.86
N GLY A 4 8.63 10.84 0.25
CA GLY A 4 7.83 10.52 1.44
C GLY A 4 7.54 11.78 2.27
N THR A 5 6.93 11.59 3.43
CA THR A 5 6.68 12.68 4.36
C THR A 5 7.49 12.51 5.67
N VAL A 6 8.10 11.35 5.85
CA VAL A 6 8.92 11.07 7.01
C VAL A 6 10.32 10.86 6.54
N THR A 7 11.27 11.54 7.18
CA THR A 7 12.67 11.31 6.86
C THR A 7 13.50 11.17 8.13
N ASP A 8 14.76 10.78 7.98
CA ASP A 8 15.64 10.62 9.14
C ASP A 8 15.72 11.91 9.93
N PHE A 9 15.66 11.77 11.25
CA PHE A 9 15.80 12.92 12.13
C PHE A 9 17.30 13.27 12.23
N SER A 10 17.57 14.55 12.03
CA SER A 10 18.91 15.07 12.15
C SER A 10 19.30 15.19 13.63
N GLY A 11 20.50 14.74 13.98
CA GLY A 11 20.94 14.84 15.37
C GLY A 11 20.34 13.74 16.22
N PHE A 12 19.91 12.67 15.58
CA PHE A 12 19.33 11.49 16.26
C PHE A 12 20.25 10.91 17.33
N ASP A 13 19.68 10.65 18.51
CA ASP A 13 20.39 9.99 19.60
C ASP A 13 19.43 8.93 20.09
N GLY A 14 19.62 7.70 19.64
CA GLY A 14 18.70 6.59 19.98
C GLY A 14 18.56 6.31 21.47
N ARG A 15 19.65 6.51 22.21
CA ARG A 15 19.67 6.26 23.64
C ARG A 15 18.85 7.30 24.37
N ALA A 16 18.98 8.56 23.97
CA ALA A 16 18.19 9.63 24.54
C ALA A 16 16.72 9.38 24.29
N ASP A 17 16.41 8.96 23.06
CA ASP A 17 15.00 8.71 22.72
C ASP A 17 14.45 7.53 23.54
N ALA A 18 15.25 6.48 23.73
CA ALA A 18 14.78 5.30 24.48
C ALA A 18 14.41 5.75 25.92
N GLU A 19 15.21 6.66 26.47
CA GLU A 19 14.95 7.16 27.82
C GLU A 19 13.68 7.95 27.87
N VAL A 20 13.44 8.78 26.87
CA VAL A 20 12.19 9.51 26.80
C VAL A 20 10.98 8.56 26.79
N LEU A 21 11.07 7.50 25.98
CA LEU A 21 9.97 6.56 25.86
C LEU A 21 9.75 5.80 27.17
N ARG A 22 10.85 5.39 27.82
CA ARG A 22 10.71 4.72 29.13
C ARG A 22 9.98 5.61 30.15
N LYS A 23 10.37 6.87 30.19
CA LYS A 23 9.77 7.87 31.09
C LYS A 23 8.29 8.03 30.80
N ALA A 24 7.92 7.99 29.51
CA ALA A 24 6.54 8.12 29.10
C ALA A 24 5.65 6.97 29.59
N MET A 25 6.24 5.80 29.84
CA MET A 25 5.45 4.62 30.22
C MET A 25 5.65 4.20 31.69
N LYS A 26 6.75 4.62 32.29
CA LYS A 26 7.10 4.21 33.64
C LYS A 26 6.01 4.65 34.61
N GLY A 27 5.64 3.74 35.51
CA GLY A 27 4.65 4.05 36.55
C GLY A 27 3.22 4.10 36.04
N LEU A 28 2.31 4.55 36.90
CA LEU A 28 0.88 4.57 36.56
C LEU A 28 0.59 5.52 35.41
N GLY A 29 -0.25 5.07 34.49
CA GLY A 29 -0.58 5.92 33.34
C GLY A 29 0.52 5.95 32.28
N THR A 30 0.28 6.75 31.25
CA THR A 30 1.05 6.73 30.01
C THR A 30 0.95 8.11 29.43
N ASP A 31 2.08 8.64 28.96
CA ASP A 31 2.14 9.92 28.28
C ASP A 31 2.09 9.63 26.77
N GLU A 32 0.88 9.50 26.22
CA GLU A 32 0.72 9.17 24.79
C GLU A 32 1.28 10.27 23.90
N ASP A 33 1.17 11.52 24.36
CA ASP A 33 1.67 12.64 23.58
C ASP A 33 3.18 12.58 23.35
N SER A 34 3.95 12.20 24.38
CA SER A 34 5.40 12.12 24.20
C SER A 34 5.77 11.00 23.24
N ILE A 35 5.06 9.90 23.37
CA ILE A 35 5.27 8.76 22.46
C ILE A 35 4.97 9.16 21.01
N LEU A 36 3.79 9.70 20.74
CA LEU A 36 3.45 9.97 19.32
C LEU A 36 4.30 11.10 18.76
N ASN A 37 4.61 12.12 19.56
CA ASN A 37 5.50 13.17 19.04
C ASN A 37 6.88 12.69 18.63
N LEU A 38 7.41 11.73 19.36
CA LEU A 38 8.73 11.25 19.08
C LEU A 38 8.70 10.28 17.91
N LEU A 39 7.80 9.29 17.95
CA LEU A 39 7.90 8.19 16.98
C LEU A 39 7.55 8.67 15.57
N THR A 40 6.63 9.63 15.48
CA THR A 40 6.25 10.17 14.16
C THR A 40 7.31 11.09 13.59
N ALA A 41 8.32 11.42 14.40
CA ALA A 41 9.41 12.31 13.96
C ALA A 41 10.72 11.56 13.78
N ARG A 42 10.64 10.25 13.69
CA ARG A 42 11.79 9.40 13.45
C ARG A 42 11.48 8.52 12.25
N SER A 43 12.49 8.23 11.45
CA SER A 43 12.28 7.34 10.32
C SER A 43 12.13 5.90 10.85
N ASN A 44 11.62 5.01 10.01
CA ASN A 44 11.53 3.63 10.38
C ASN A 44 12.83 3.02 10.90
N ALA A 45 13.94 3.28 10.20
CA ALA A 45 15.21 2.69 10.59
C ALA A 45 15.62 3.19 11.99
N GLN A 46 15.32 4.47 12.22
CA GLN A 46 15.60 5.11 13.54
C GLN A 46 14.72 4.51 14.63
N ARG A 47 13.46 4.23 14.33
CA ARG A 47 12.62 3.49 15.30
C ARG A 47 13.21 2.15 15.70
N GLN A 48 13.77 1.41 14.74
CA GLN A 48 14.41 0.13 15.05
C GLN A 48 15.59 0.32 15.98
N GLN A 49 16.39 1.36 15.74
CA GLN A 49 17.55 1.60 16.63
C GLN A 49 17.09 1.98 18.03
N ILE A 50 16.02 2.78 18.11
CA ILE A 50 15.45 3.16 19.41
C ILE A 50 15.05 1.89 20.15
N ALA A 51 14.39 0.96 19.46
CA ALA A 51 13.96 -0.30 20.12
C ALA A 51 15.16 -1.10 20.64
N GLU A 52 16.27 -1.11 19.87
CA GLU A 52 17.45 -1.80 20.33
C GLU A 52 18.08 -1.13 21.56
N GLU A 53 18.15 0.20 21.56
CA GLU A 53 18.75 0.93 22.68
C GLU A 53 17.87 0.71 23.92
N PHE A 54 16.55 0.69 23.73
CA PHE A 54 15.60 0.52 24.86
C PHE A 54 15.85 -0.84 25.51
N LYS A 55 16.04 -1.87 24.71
CA LYS A 55 16.25 -3.20 25.28
C LYS A 55 17.64 -3.31 25.94
N THR A 56 18.62 -2.63 25.37
CA THR A 56 19.96 -2.55 25.95
C THR A 56 19.96 -1.83 27.30
N LEU A 57 19.25 -0.71 27.40
CA LEU A 57 19.24 0.04 28.64
C LEU A 57 18.41 -0.63 29.73
N PHE A 58 17.26 -1.21 29.35
CA PHE A 58 16.25 -1.58 30.35
C PHE A 58 15.91 -3.05 30.35
N GLY A 59 16.32 -3.80 29.33
CA GLY A 59 16.03 -5.24 29.30
C GLY A 59 14.56 -5.52 29.08
N ARG A 60 13.88 -4.56 28.47
CA ARG A 60 12.44 -4.61 28.18
C ARG A 60 12.25 -4.52 26.67
N ASP A 61 11.21 -5.14 26.15
CA ASP A 61 10.90 -5.01 24.72
C ASP A 61 10.01 -3.79 24.50
N LEU A 62 10.48 -2.82 23.71
CA LEU A 62 9.75 -1.59 23.54
C LEU A 62 8.37 -1.81 22.96
N VAL A 63 8.26 -2.62 21.92
CA VAL A 63 6.95 -2.81 21.27
C VAL A 63 6.00 -3.54 22.25
N ASN A 64 6.49 -4.55 22.94
CA ASN A 64 5.64 -5.23 23.94
C ASN A 64 5.18 -4.27 25.03
N ASP A 65 6.07 -3.40 25.51
CA ASP A 65 5.63 -2.44 26.51
C ASP A 65 4.59 -1.48 25.96
N MET A 66 4.73 -1.04 24.72
CA MET A 66 3.76 -0.13 24.17
C MET A 66 2.43 -0.81 23.95
N LYS A 67 2.45 -2.08 23.57
CA LYS A 67 1.22 -2.88 23.44
C LYS A 67 0.47 -2.99 24.77
N SER A 68 1.22 -2.97 25.88
CA SER A 68 0.66 -3.02 27.24
C SER A 68 0.07 -1.70 27.72
N GLU A 69 0.64 -0.60 27.26
CA GLU A 69 0.24 0.73 27.71
C GLU A 69 -0.80 1.38 26.83
N LEU A 70 -0.78 1.05 25.55
CA LEU A 70 -1.67 1.69 24.60
C LEU A 70 -2.86 0.81 24.24
N THR A 71 -3.85 1.43 23.63
CA THR A 71 -5.11 0.78 23.35
C THR A 71 -5.71 1.30 22.03
N GLY A 72 -6.62 0.52 21.45
CA GLY A 72 -7.47 1.01 20.36
C GLY A 72 -6.74 1.26 19.05
N LYS A 73 -7.20 2.26 18.30
CA LYS A 73 -6.64 2.50 16.98
C LYS A 73 -5.23 3.10 17.08
N PHE A 74 -5.02 3.86 18.15
CA PHE A 74 -3.69 4.40 18.41
C PHE A 74 -2.67 3.26 18.54
N GLU A 75 -3.01 2.25 19.32
CA GLU A 75 -2.11 1.12 19.51
C GLU A 75 -1.82 0.47 18.15
N LYS A 76 -2.86 0.30 17.35
CA LYS A 76 -2.70 -0.37 16.06
C LYS A 76 -1.78 0.42 15.15
N LEU A 77 -1.89 1.74 15.20
CA LEU A 77 -1.05 2.62 14.40
C LEU A 77 0.41 2.55 14.88
N ILE A 78 0.60 2.63 16.20
CA ILE A 78 1.98 2.56 16.73
C ILE A 78 2.64 1.24 16.41
N VAL A 79 1.91 0.13 16.50
CA VAL A 79 2.43 -1.18 16.17
C VAL A 79 2.86 -1.20 14.71
N ALA A 80 2.03 -0.61 13.84
CA ALA A 80 2.33 -0.59 12.41
C ALA A 80 3.59 0.20 12.18
N LEU A 81 3.72 1.34 12.86
CA LEU A 81 4.90 2.21 12.71
C LEU A 81 6.19 1.52 13.15
N MET A 82 6.07 0.60 14.10
CA MET A 82 7.28 -0.06 14.62
C MET A 82 7.69 -1.28 13.81
N LYS A 83 6.81 -1.77 12.93
CA LYS A 83 7.23 -2.89 12.08
C LYS A 83 8.35 -2.42 11.15
N PRO A 84 9.47 -3.15 11.07
CA PRO A 84 10.51 -2.79 10.08
C PRO A 84 9.90 -2.66 8.70
N SER A 85 10.23 -1.61 7.98
CA SER A 85 9.66 -1.38 6.67
C SER A 85 9.80 -2.60 5.78
N ARG A 86 10.91 -3.33 5.91
CA ARG A 86 11.15 -4.48 5.02
C ARG A 86 10.18 -5.63 5.27
N LEU A 87 9.52 -5.62 6.43
CA LEU A 87 8.57 -6.67 6.75
C LEU A 87 7.11 -6.24 6.68
N TYR A 88 6.83 -4.95 6.55
CA TYR A 88 5.46 -4.49 6.82
C TYR A 88 4.48 -5.03 5.77
N ASP A 89 4.86 -4.91 4.50
CA ASP A 89 3.92 -5.42 3.47
C ASP A 89 3.67 -6.93 3.63
N ALA A 90 4.73 -7.69 3.90
CA ALA A 90 4.62 -9.13 4.16
C ALA A 90 3.68 -9.44 5.33
N TYR A 91 3.84 -8.66 6.41
CA TYR A 91 2.97 -8.75 7.58
C TYR A 91 1.49 -8.52 7.19
N GLU A 92 1.23 -7.46 6.43
CA GLU A 92 -0.16 -7.22 6.01
C GLU A 92 -0.72 -8.34 5.14
N LEU A 93 0.07 -8.85 4.21
CA LEU A 93 -0.35 -9.99 3.40
C LEU A 93 -0.61 -11.22 4.24
N LYS A 94 0.30 -11.51 5.17
CA LYS A 94 0.15 -12.71 6.01
C LYS A 94 -1.17 -12.61 6.74
N HIS A 95 -1.47 -11.43 7.29
CA HIS A 95 -2.71 -11.24 8.04
C HIS A 95 -3.96 -11.19 7.21
N ALA A 96 -3.82 -10.94 5.91
CA ALA A 96 -4.97 -11.01 5.00
C ALA A 96 -5.31 -12.45 4.61
N LEU A 97 -4.36 -13.36 4.77
CA LEU A 97 -4.50 -14.73 4.27
C LEU A 97 -5.04 -15.64 5.36
N LYS A 98 -6.32 -15.97 5.23
CA LYS A 98 -7.06 -16.65 6.30
C LYS A 98 -8.26 -17.43 5.75
N GLY A 99 -8.02 -18.29 4.77
CA GLY A 99 -9.01 -19.25 4.30
C GLY A 99 -10.24 -18.61 3.68
N ALA A 100 -11.41 -18.92 4.25
CA ALA A 100 -12.68 -18.34 3.80
C ALA A 100 -12.77 -16.86 4.17
N GLY A 101 -12.02 -16.48 5.20
CA GLY A 101 -12.01 -15.12 5.72
C GLY A 101 -11.03 -14.19 5.04
N THR A 102 -10.37 -14.68 3.99
CA THR A 102 -9.33 -13.92 3.27
C THR A 102 -9.76 -12.50 2.92
N ASP A 103 -8.89 -11.54 3.17
CA ASP A 103 -9.18 -10.16 2.90
C ASP A 103 -8.63 -9.83 1.50
N GLU A 104 -9.42 -10.07 0.46
CA GLU A 104 -8.98 -9.84 -0.93
C GLU A 104 -8.58 -8.40 -1.19
N LYS A 105 -9.23 -7.43 -0.55
CA LYS A 105 -8.87 -6.02 -0.78
C LYS A 105 -7.40 -5.77 -0.52
N VAL A 106 -6.87 -6.39 0.54
CA VAL A 106 -5.46 -6.17 0.91
C VAL A 106 -4.54 -6.82 -0.13
N LEU A 107 -4.86 -8.05 -0.51
CA LEU A 107 -4.04 -8.78 -1.53
C LEU A 107 -3.99 -7.92 -2.79
N THR A 108 -5.15 -7.47 -3.23
CA THR A 108 -5.26 -6.65 -4.45
C THR A 108 -4.45 -5.37 -4.32
N GLU A 109 -4.65 -4.64 -3.22
CA GLU A 109 -4.05 -3.32 -3.06
C GLU A 109 -2.53 -3.41 -3.09
N ILE A 110 -1.98 -4.36 -2.33
CA ILE A 110 -0.53 -4.46 -2.22
C ILE A 110 0.09 -5.02 -3.50
N ILE A 111 -0.49 -6.09 -4.00
CA ILE A 111 0.16 -6.83 -5.12
C ILE A 111 0.06 -6.00 -6.43
N ALA A 112 -1.02 -5.24 -6.57
CA ALA A 112 -1.18 -4.39 -7.78
C ALA A 112 -0.28 -3.16 -7.77
N SER A 113 -0.04 -2.61 -6.57
CA SER A 113 0.62 -1.30 -6.46
C SER A 113 2.09 -1.34 -6.15
N ARG A 114 2.63 -2.51 -5.81
CA ARG A 114 4.09 -2.67 -5.55
C ARG A 114 4.83 -2.97 -6.86
N THR A 115 6.01 -2.39 -7.00
CA THR A 115 6.85 -2.67 -8.17
C THR A 115 7.42 -4.09 -8.14
N PRO A 116 7.84 -4.63 -9.30
CA PRO A 116 8.54 -5.91 -9.29
C PRO A 116 9.69 -5.97 -8.26
N GLU A 117 10.48 -4.90 -8.14
CA GLU A 117 11.58 -4.89 -7.15
C GLU A 117 11.03 -5.03 -5.73
N GLU A 118 9.92 -4.33 -5.46
CA GLU A 118 9.28 -4.43 -4.15
C GLU A 118 8.73 -5.83 -3.89
N LEU A 119 8.06 -6.40 -4.89
CA LEU A 119 7.50 -7.74 -4.73
C LEU A 119 8.56 -8.81 -4.49
N ARG A 120 9.73 -8.71 -5.16
CA ARG A 120 10.81 -9.64 -4.93
C ARG A 120 11.24 -9.61 -3.45
N ALA A 121 11.34 -8.40 -2.91
CA ALA A 121 11.73 -8.21 -1.51
C ALA A 121 10.65 -8.67 -0.55
N ILE A 122 9.39 -8.47 -0.90
CA ILE A 122 8.26 -8.92 -0.05
C ILE A 122 8.24 -10.44 0.01
N LYS A 123 8.40 -11.08 -1.14
CA LYS A 123 8.38 -12.55 -1.19
C LYS A 123 9.47 -13.15 -0.30
N GLN A 124 10.66 -12.57 -0.35
CA GLN A 124 11.76 -13.03 0.48
C GLN A 124 11.49 -12.78 1.97
N ALA A 125 11.03 -11.58 2.33
CA ALA A 125 10.74 -11.28 3.72
C ALA A 125 9.66 -12.21 4.26
N TYR A 126 8.63 -12.47 3.44
CA TYR A 126 7.52 -13.29 3.90
C TYR A 126 8.03 -14.70 4.24
N GLU A 127 8.82 -15.27 3.34
CA GLU A 127 9.37 -16.61 3.50
C GLU A 127 10.24 -16.71 4.76
N GLU A 128 11.15 -15.76 4.92
CA GLU A 128 12.01 -15.68 6.11
C GLU A 128 11.23 -15.53 7.42
N GLU A 129 10.19 -14.70 7.42
CA GLU A 129 9.42 -14.42 8.63
C GLU A 129 8.45 -15.53 8.99
N TYR A 130 7.80 -16.10 7.99
CA TYR A 130 6.70 -17.02 8.25
C TYR A 130 6.92 -18.47 7.85
N GLY A 131 8.03 -18.74 7.17
CA GLY A 131 8.42 -20.11 6.83
C GLY A 131 7.55 -20.77 5.77
N SER A 132 6.90 -19.91 4.99
CA SER A 132 5.87 -20.29 4.03
C SER A 132 6.19 -19.54 2.75
N ASN A 133 5.75 -20.09 1.63
CA ASN A 133 5.92 -19.42 0.36
C ASN A 133 4.69 -18.56 0.06
N LEU A 134 4.90 -17.26 -0.19
CA LEU A 134 3.78 -16.33 -0.41
C LEU A 134 2.87 -16.79 -1.53
N GLU A 135 3.48 -17.20 -2.64
CA GLU A 135 2.71 -17.63 -3.79
C GLU A 135 1.85 -18.83 -3.40
N ASP A 136 2.44 -19.82 -2.73
CA ASP A 136 1.68 -20.98 -2.27
C ASP A 136 0.47 -20.59 -1.41
N ASP A 137 0.67 -19.63 -0.51
CA ASP A 137 -0.41 -19.24 0.42
C ASP A 137 -1.50 -18.49 -0.32
N VAL A 138 -1.10 -17.69 -1.30
CA VAL A 138 -2.08 -16.95 -2.09
C VAL A 138 -2.94 -17.91 -2.91
N VAL A 139 -2.29 -18.85 -3.58
CA VAL A 139 -2.94 -19.89 -4.36
C VAL A 139 -3.96 -20.68 -3.52
N GLY A 140 -3.55 -21.08 -2.31
CA GLY A 140 -4.41 -21.83 -1.38
C GLY A 140 -5.71 -21.12 -1.01
N ASP A 141 -5.68 -19.80 -0.98
CA ASP A 141 -6.82 -19.02 -0.51
C ASP A 141 -7.56 -18.19 -1.55
N THR A 142 -7.21 -18.38 -2.82
CA THR A 142 -7.89 -17.68 -3.91
C THR A 142 -8.24 -18.68 -5.02
N SER A 143 -9.02 -18.25 -6.01
CA SER A 143 -9.33 -19.15 -7.10
C SER A 143 -9.56 -18.39 -8.39
N GLY A 144 -9.61 -19.11 -9.50
CA GLY A 144 -10.12 -18.53 -10.73
C GLY A 144 -9.10 -17.59 -11.36
N TYR A 145 -9.59 -16.73 -12.23
CA TYR A 145 -8.70 -15.76 -12.89
C TYR A 145 -8.14 -14.73 -11.92
N TYR A 146 -8.86 -14.45 -10.83
CA TYR A 146 -8.32 -13.59 -9.79
C TYR A 146 -7.00 -14.19 -9.28
N GLN A 147 -7.00 -15.46 -8.90
CA GLN A 147 -5.78 -16.12 -8.47
C GLN A 147 -4.68 -16.02 -9.55
N ARG A 148 -5.07 -16.32 -10.78
CA ARG A 148 -4.10 -16.37 -11.87
C ARG A 148 -3.39 -15.03 -12.06
N MET A 149 -4.17 -13.97 -12.03
CA MET A 149 -3.57 -12.63 -12.20
C MET A 149 -2.66 -12.30 -11.02
N LEU A 150 -3.08 -12.66 -9.80
CA LEU A 150 -2.18 -12.47 -8.65
C LEU A 150 -0.85 -13.22 -8.83
N VAL A 151 -0.93 -14.47 -9.30
CA VAL A 151 0.28 -15.30 -9.52
C VAL A 151 1.15 -14.63 -10.58
N VAL A 152 0.54 -14.17 -11.67
CA VAL A 152 1.32 -13.44 -12.69
C VAL A 152 2.08 -12.27 -12.06
N LEU A 153 1.39 -11.44 -11.29
CA LEU A 153 2.04 -10.26 -10.69
C LEU A 153 3.11 -10.69 -9.71
N LEU A 154 2.86 -11.77 -8.97
CA LEU A 154 3.86 -12.27 -7.99
C LEU A 154 5.16 -12.76 -8.63
N GLN A 155 5.12 -13.05 -9.94
CA GLN A 155 6.35 -13.49 -10.60
C GLN A 155 7.34 -12.33 -10.69
N ALA A 156 6.84 -11.10 -10.61
CA ALA A 156 7.66 -9.87 -10.60
C ALA A 156 8.55 -9.83 -11.83
N ASN A 157 7.97 -10.22 -12.97
CA ASN A 157 8.68 -10.44 -14.22
C ASN A 157 8.16 -9.54 -15.30
N ARG A 158 7.64 -8.39 -14.92
CA ARG A 158 7.08 -7.47 -15.89
C ARG A 158 8.20 -7.05 -16.84
N ASP A 159 7.90 -6.94 -18.14
CA ASP A 159 8.91 -6.48 -19.11
C ASP A 159 9.52 -5.17 -18.65
N PRO A 160 10.84 -4.98 -18.84
CA PRO A 160 11.43 -3.68 -18.52
C PRO A 160 10.99 -2.55 -19.47
N ASP A 161 11.05 -1.30 -18.99
CA ASP A 161 10.70 -0.17 -19.82
C ASP A 161 11.84 -0.02 -20.80
N THR A 162 11.49 0.03 -22.07
CA THR A 162 12.49 0.15 -23.12
C THR A 162 11.84 1.03 -24.19
N ALA A 163 12.49 1.21 -25.33
CA ALA A 163 11.96 2.09 -26.36
C ALA A 163 10.61 1.55 -26.82
N ILE A 164 9.67 2.43 -27.07
CA ILE A 164 8.28 2.04 -27.42
C ILE A 164 8.23 1.64 -28.90
N ASP A 165 7.57 0.53 -29.18
CA ASP A 165 7.37 0.07 -30.54
C ASP A 165 5.90 0.31 -30.88
N ASP A 166 5.65 1.29 -31.73
CA ASP A 166 4.29 1.70 -32.08
C ASP A 166 3.44 0.56 -32.64
N ALA A 167 4.03 -0.35 -33.42
CA ALA A 167 3.23 -1.44 -34.01
C ALA A 167 2.79 -2.40 -32.89
N GLN A 168 3.63 -2.54 -31.88
CA GLN A 168 3.29 -3.40 -30.71
C GLN A 168 2.18 -2.76 -29.89
N VAL A 169 2.20 -1.43 -29.76
CA VAL A 169 1.10 -0.71 -29.10
C VAL A 169 -0.20 -0.95 -29.86
N GLU A 170 -0.17 -0.80 -31.19
CA GLU A 170 -1.37 -1.10 -32.00
C GLU A 170 -1.85 -2.52 -31.81
N LEU A 171 -0.93 -3.49 -31.86
CA LEU A 171 -1.29 -4.90 -31.80
C LEU A 171 -1.95 -5.20 -30.46
N ASP A 172 -1.36 -4.67 -29.36
CA ASP A 172 -1.92 -5.02 -28.05
C ASP A 172 -3.26 -4.32 -27.81
N ALA A 173 -3.42 -3.09 -28.28
CA ALA A 173 -4.69 -2.38 -28.12
C ALA A 173 -5.77 -3.14 -28.90
N GLN A 174 -5.45 -3.58 -30.11
CA GLN A 174 -6.43 -4.33 -30.92
C GLN A 174 -6.72 -5.69 -30.27
N ALA A 175 -5.69 -6.31 -29.72
CA ALA A 175 -5.87 -7.61 -29.05
C ALA A 175 -6.88 -7.45 -27.90
N LEU A 176 -6.70 -6.39 -27.13
CA LEU A 176 -7.62 -6.20 -25.97
C LEU A 176 -9.02 -5.94 -26.46
N PHE A 177 -9.17 -5.15 -27.51
CA PHE A 177 -10.49 -4.89 -28.10
C PHE A 177 -11.17 -6.20 -28.53
N GLN A 178 -10.43 -7.07 -29.22
CA GLN A 178 -10.96 -8.36 -29.69
C GLN A 178 -11.26 -9.31 -28.54
N ALA A 179 -10.50 -9.21 -27.44
CA ALA A 179 -10.65 -10.14 -26.30
C ALA A 179 -11.83 -9.78 -25.40
N GLY A 180 -12.32 -8.55 -25.52
CA GLY A 180 -13.33 -8.05 -24.58
C GLY A 180 -14.59 -7.63 -25.33
N GLU A 181 -14.58 -6.40 -25.80
CA GLU A 181 -15.79 -5.79 -26.37
C GLU A 181 -16.30 -6.54 -27.57
N LEU A 182 -15.40 -7.10 -28.39
CA LEU A 182 -15.86 -7.76 -29.62
C LEU A 182 -16.15 -9.22 -29.43
N LYS A 183 -15.95 -9.69 -28.21
CA LYS A 183 -16.06 -11.15 -27.95
C LYS A 183 -17.33 -11.38 -27.13
N TRP A 184 -18.06 -12.44 -27.50
CA TRP A 184 -19.17 -12.91 -26.64
C TRP A 184 -18.55 -13.61 -25.45
N GLY A 185 -18.64 -12.99 -24.28
CA GLY A 185 -17.88 -13.41 -23.11
C GLY A 185 -16.56 -12.67 -23.14
N THR A 186 -15.52 -13.25 -22.54
CA THR A 186 -14.29 -12.45 -22.35
C THR A 186 -13.12 -13.43 -22.43
N ASP A 187 -12.00 -13.03 -23.03
CA ASP A 187 -10.82 -13.86 -23.04
C ASP A 187 -9.95 -13.30 -21.92
N GLU A 188 -10.21 -13.72 -20.68
CA GLU A 188 -9.50 -13.13 -19.53
C GLU A 188 -8.01 -13.40 -19.65
N GLU A 189 -7.68 -14.55 -20.23
CA GLU A 189 -6.26 -14.95 -20.35
C GLU A 189 -5.47 -13.87 -21.08
N LYS A 190 -6.04 -13.32 -22.14
CA LYS A 190 -5.35 -12.30 -22.93
C LYS A 190 -5.18 -11.03 -22.13
N PHE A 191 -6.21 -10.62 -21.39
CA PHE A 191 -6.08 -9.46 -20.55
C PHE A 191 -5.01 -9.64 -19.49
N ILE A 192 -4.96 -10.82 -18.90
CA ILE A 192 -4.02 -11.05 -17.81
C ILE A 192 -2.56 -11.00 -18.33
N THR A 193 -2.30 -11.62 -19.47
CA THR A 193 -0.95 -11.63 -20.04
C THR A 193 -0.53 -10.22 -20.38
N ILE A 194 -1.38 -9.46 -21.06
CA ILE A 194 -0.98 -8.13 -21.48
C ILE A 194 -0.85 -7.17 -20.30
N LEU A 195 -1.86 -7.11 -19.43
CA LEU A 195 -1.79 -6.20 -18.30
C LEU A 195 -0.79 -6.61 -17.25
N GLY A 196 -0.54 -7.92 -17.14
CA GLY A 196 0.33 -8.45 -16.09
C GLY A 196 1.80 -8.38 -16.47
N THR A 197 2.13 -8.39 -17.77
CA THR A 197 3.55 -8.65 -18.16
C THR A 197 4.20 -7.58 -19.02
N ARG A 198 3.39 -6.76 -19.72
CA ARG A 198 3.98 -5.70 -20.54
C ARG A 198 4.54 -4.60 -19.65
N SER A 199 5.49 -3.83 -20.20
CA SER A 199 6.09 -2.77 -19.41
C SER A 199 5.09 -1.66 -19.07
N VAL A 200 5.36 -0.94 -17.99
CA VAL A 200 4.50 0.17 -17.62
C VAL A 200 4.40 1.21 -18.73
N SER A 201 5.54 1.58 -19.33
CA SER A 201 5.49 2.65 -20.29
C SER A 201 4.76 2.19 -21.56
N HIS A 202 4.93 0.92 -21.92
CA HIS A 202 4.24 0.36 -23.07
C HIS A 202 2.73 0.39 -22.78
N LEU A 203 2.33 -0.05 -21.59
CA LEU A 203 0.87 -0.11 -21.30
C LEU A 203 0.22 1.25 -21.24
N ARG A 204 0.93 2.27 -20.74
CA ARG A 204 0.34 3.60 -20.78
C ARG A 204 -0.03 4.02 -22.21
N ARG A 205 0.81 3.63 -23.18
CA ARG A 205 0.53 3.95 -24.57
C ARG A 205 -0.63 3.10 -25.09
N VAL A 206 -0.67 1.85 -24.65
CA VAL A 206 -1.72 0.94 -25.10
C VAL A 206 -3.05 1.51 -24.60
N PHE A 207 -3.07 1.99 -23.36
CA PHE A 207 -4.36 2.51 -22.83
C PHE A 207 -4.88 3.66 -23.66
N ASP A 208 -4.00 4.58 -24.07
CA ASP A 208 -4.43 5.68 -24.94
C ASP A 208 -4.89 5.20 -26.32
N LYS A 209 -4.18 4.26 -26.90
CA LYS A 209 -4.54 3.75 -28.22
C LYS A 209 -5.85 2.97 -28.12
N TYR A 210 -6.02 2.23 -27.04
CA TYR A 210 -7.29 1.50 -26.85
C TYR A 210 -8.49 2.45 -26.84
N MET A 211 -8.38 3.58 -26.12
CA MET A 211 -9.43 4.61 -26.12
C MET A 211 -9.70 5.12 -27.55
N THR A 212 -8.65 5.37 -28.32
CA THR A 212 -8.80 5.82 -29.70
C THR A 212 -9.58 4.82 -30.58
N ILE A 213 -9.24 3.56 -30.46
CA ILE A 213 -9.84 2.53 -31.29
C ILE A 213 -11.28 2.25 -30.89
N SER A 214 -11.52 2.11 -29.58
CA SER A 214 -12.79 1.56 -29.08
C SER A 214 -13.82 2.61 -28.63
N GLY A 215 -13.33 3.81 -28.28
CA GLY A 215 -14.16 4.86 -27.68
C GLY A 215 -14.38 4.66 -26.19
N PHE A 216 -13.81 3.60 -25.61
CA PHE A 216 -13.88 3.35 -24.17
C PHE A 216 -12.50 3.48 -23.53
N GLN A 217 -12.45 3.99 -22.28
CA GLN A 217 -11.21 3.83 -21.50
C GLN A 217 -11.12 2.38 -21.11
N ILE A 218 -9.91 1.86 -20.95
CA ILE A 218 -9.81 0.47 -20.53
C ILE A 218 -10.57 0.17 -19.22
N GLU A 219 -10.62 1.11 -18.30
CA GLU A 219 -11.38 0.88 -17.06
C GLU A 219 -12.87 0.67 -17.33
N GLU A 220 -13.41 1.36 -18.33
CA GLU A 220 -14.83 1.16 -18.70
C GLU A 220 -15.05 -0.23 -19.25
N THR A 221 -14.17 -0.68 -20.16
CA THR A 221 -14.29 -2.06 -20.64
C THR A 221 -14.22 -3.09 -19.53
N ILE A 222 -13.29 -2.86 -18.57
CA ILE A 222 -13.14 -3.83 -17.48
C ILE A 222 -14.45 -3.92 -16.69
N ASP A 223 -15.10 -2.78 -16.46
CA ASP A 223 -16.38 -2.81 -15.70
C ASP A 223 -17.46 -3.49 -16.53
N ARG A 224 -17.40 -3.31 -17.84
CA ARG A 224 -18.39 -3.90 -18.76
C ARG A 224 -18.22 -5.41 -18.90
N GLU A 225 -17.00 -5.89 -18.80
CA GLU A 225 -16.70 -7.29 -19.10
C GLU A 225 -16.55 -8.22 -17.92
N THR A 226 -16.18 -7.68 -16.75
CA THR A 226 -15.85 -8.52 -15.64
C THR A 226 -16.63 -8.06 -14.41
N SER A 227 -16.51 -8.83 -13.34
CA SER A 227 -17.10 -8.43 -12.07
C SER A 227 -16.28 -9.02 -10.92
N GLY A 228 -16.67 -8.69 -9.70
CA GLY A 228 -16.15 -9.42 -8.55
C GLY A 228 -14.68 -9.10 -8.32
N ASN A 229 -13.96 -10.07 -7.78
CA ASN A 229 -12.58 -9.78 -7.37
C ASN A 229 -11.67 -9.53 -8.56
N LEU A 230 -11.97 -10.21 -9.66
CA LEU A 230 -11.15 -10.01 -10.86
C LEU A 230 -11.29 -8.59 -11.34
N GLU A 231 -12.53 -8.07 -11.36
CA GLU A 231 -12.73 -6.67 -11.74
C GLU A 231 -11.91 -5.74 -10.86
N ASN A 232 -11.96 -5.92 -9.55
CA ASN A 232 -11.29 -4.99 -8.65
C ASN A 232 -9.78 -5.03 -8.87
N LEU A 233 -9.27 -6.21 -9.14
CA LEU A 233 -7.80 -6.40 -9.36
C LEU A 233 -7.40 -5.76 -10.67
N LEU A 234 -8.14 -6.04 -11.75
CA LEU A 234 -7.74 -5.41 -13.05
C LEU A 234 -7.80 -3.90 -12.94
N LEU A 235 -8.81 -3.35 -12.27
CA LEU A 235 -8.85 -1.88 -12.13
C LEU A 235 -7.67 -1.39 -11.31
N ALA A 236 -7.28 -2.13 -10.27
CA ALA A 236 -6.16 -1.67 -9.41
C ALA A 236 -4.85 -1.69 -10.22
N VAL A 237 -4.71 -2.73 -11.05
CA VAL A 237 -3.52 -2.85 -11.92
C VAL A 237 -3.48 -1.69 -12.93
N VAL A 238 -4.58 -1.46 -13.64
CA VAL A 238 -4.61 -0.32 -14.58
C VAL A 238 -4.37 1.00 -13.89
N LYS A 239 -5.01 1.22 -12.75
CA LYS A 239 -4.82 2.51 -12.05
C LYS A 239 -3.36 2.69 -11.59
N SER A 240 -2.74 1.61 -11.12
CA SER A 240 -1.34 1.65 -10.67
C SER A 240 -0.39 1.88 -11.82
N ILE A 241 -0.72 1.33 -12.99
CA ILE A 241 0.09 1.55 -14.17
C ILE A 241 0.08 3.03 -14.55
N ARG A 242 -1.11 3.65 -14.47
CA ARG A 242 -1.24 5.05 -14.75
C ARG A 242 -0.47 5.88 -13.73
N SER A 243 -0.67 5.56 -12.46
CA SER A 243 -0.04 6.33 -11.38
C SER A 243 -0.27 5.59 -10.07
N ILE A 244 0.80 5.08 -9.49
CA ILE A 244 0.68 4.44 -8.16
C ILE A 244 0.18 5.43 -7.10
N PRO A 245 0.79 6.64 -7.02
CA PRO A 245 0.28 7.63 -6.06
C PRO A 245 -1.21 7.95 -6.22
N ALA A 246 -1.68 8.06 -7.46
CA ALA A 246 -3.11 8.30 -7.72
C ALA A 246 -3.98 7.15 -7.27
N TYR A 247 -3.52 5.92 -7.49
CA TYR A 247 -4.28 4.75 -7.09
C TYR A 247 -4.38 4.72 -5.57
N LEU A 248 -3.26 4.99 -4.91
CA LEU A 248 -3.27 4.95 -3.45
C LEU A 248 -4.04 6.12 -2.84
N ALA A 249 -4.01 7.28 -3.48
CA ALA A 249 -4.83 8.41 -3.07
C ALA A 249 -6.31 8.07 -3.16
N GLU A 250 -6.70 7.38 -4.24
CA GLU A 250 -8.06 6.95 -4.41
C GLU A 250 -8.46 5.95 -3.33
N THR A 251 -7.53 5.06 -2.99
CA THR A 251 -7.73 4.05 -1.96
C THR A 251 -8.03 4.70 -0.60
N LEU A 252 -7.28 5.75 -0.27
CA LEU A 252 -7.46 6.50 0.98
C LEU A 252 -8.81 7.21 0.97
N TYR A 253 -9.11 7.85 -0.16
CA TYR A 253 -10.39 8.53 -0.31
C TYR A 253 -11.55 7.61 0.06
N TYR A 254 -11.61 6.43 -0.55
CA TYR A 254 -12.72 5.51 -0.28
C TYR A 254 -12.69 4.89 1.12
N ALA A 255 -11.52 4.86 1.75
CA ALA A 255 -11.42 4.38 3.13
C ALA A 255 -12.12 5.34 4.11
N MET A 256 -12.20 6.62 3.75
CA MET A 256 -12.78 7.65 4.61
C MET A 256 -14.17 8.15 4.18
N LYS A 257 -14.45 8.18 2.88
CA LYS A 257 -15.75 8.69 2.41
C LYS A 257 -16.92 7.81 2.80
N GLY A 258 -17.87 8.40 3.52
CA GLY A 258 -19.03 7.68 4.01
C GLY A 258 -18.99 7.41 5.50
N ALA A 259 -19.97 6.64 5.96
CA ALA A 259 -20.15 6.34 7.38
C ALA A 259 -18.92 5.66 7.97
N GLY A 260 -18.22 6.43 8.80
CA GLY A 260 -17.08 5.90 9.53
C GLY A 260 -15.83 5.92 8.67
N THR A 261 -14.92 4.99 8.98
CA THR A 261 -13.61 4.94 8.37
C THR A 261 -13.14 3.50 8.30
N ASP A 262 -12.53 3.12 7.17
CA ASP A 262 -11.79 1.88 7.09
C ASP A 262 -10.42 2.14 7.73
N ASP A 263 -10.32 1.97 9.04
CA ASP A 263 -9.08 2.35 9.75
C ASP A 263 -7.88 1.49 9.37
N HIS A 264 -8.14 0.20 9.14
CA HIS A 264 -7.07 -0.72 8.73
C HIS A 264 -6.38 -0.19 7.45
N THR A 265 -7.18 0.27 6.50
CA THR A 265 -6.64 0.70 5.20
C THR A 265 -5.93 2.03 5.35
N LEU A 266 -6.51 2.89 6.19
CA LEU A 266 -5.95 4.21 6.44
C LEU A 266 -4.55 4.04 7.04
N ILE A 267 -4.43 3.17 8.05
CA ILE A 267 -3.13 2.95 8.73
C ILE A 267 -2.16 2.35 7.73
N ARG A 268 -2.58 1.30 7.02
CA ARG A 268 -1.66 0.62 6.10
C ARG A 268 -1.10 1.53 5.05
N VAL A 269 -1.95 2.33 4.41
CA VAL A 269 -1.45 3.20 3.34
C VAL A 269 -0.51 4.28 3.88
N ILE A 270 -0.93 4.94 4.95
CA ILE A 270 -0.12 6.00 5.52
C ILE A 270 1.25 5.48 6.00
N VAL A 271 1.24 4.39 6.75
CA VAL A 271 2.51 3.85 7.25
C VAL A 271 3.34 3.30 6.11
N SER A 272 2.74 2.47 5.25
CA SER A 272 3.59 1.78 4.23
C SER A 272 4.23 2.77 3.26
N ARG A 273 3.58 3.91 3.02
CA ARG A 273 4.03 4.82 1.98
C ARG A 273 4.75 6.04 2.54
N SER A 274 4.84 6.10 3.87
CA SER A 274 5.30 7.31 4.55
C SER A 274 6.73 7.69 4.14
N GLU A 275 7.54 6.71 3.77
CA GLU A 275 8.91 6.99 3.35
C GLU A 275 9.18 6.73 1.86
N ILE A 276 8.11 6.70 1.06
CA ILE A 276 8.28 6.38 -0.37
C ILE A 276 7.64 7.48 -1.19
N ASP A 277 6.32 7.60 -1.11
CA ASP A 277 5.59 8.50 -2.00
C ASP A 277 4.37 9.15 -1.37
N LEU A 278 4.32 9.21 -0.03
CA LEU A 278 3.14 9.78 0.58
C LEU A 278 2.97 11.26 0.20
N PHE A 279 4.07 11.93 -0.13
CA PHE A 279 3.98 13.32 -0.58
C PHE A 279 3.26 13.41 -1.94
N ASN A 280 3.68 12.58 -2.88
CA ASN A 280 2.96 12.46 -4.16
C ASN A 280 1.51 12.08 -4.00
N ILE A 281 1.23 11.14 -3.10
CA ILE A 281 -0.13 10.78 -2.78
C ILE A 281 -0.96 11.99 -2.33
N ARG A 282 -0.39 12.81 -1.44
CA ARG A 282 -1.10 14.02 -0.98
C ARG A 282 -1.46 14.91 -2.16
N LYS A 283 -0.49 15.08 -3.06
CA LYS A 283 -0.66 15.95 -4.24
C LYS A 283 -1.77 15.41 -5.15
N GLU A 284 -1.77 14.10 -5.41
CA GLU A 284 -2.83 13.49 -6.23
C GLU A 284 -4.18 13.59 -5.55
N PHE A 285 -4.19 13.43 -4.23
CA PHE A 285 -5.42 13.49 -3.45
C PHE A 285 -6.07 14.88 -3.60
N ARG A 286 -5.27 15.92 -3.45
CA ARG A 286 -5.76 17.30 -3.54
C ARG A 286 -6.28 17.60 -4.95
N LYS A 287 -5.47 17.27 -5.96
CA LYS A 287 -5.86 17.36 -7.38
C LYS A 287 -7.23 16.72 -7.65
N ASN A 288 -7.41 15.47 -7.21
CA ASN A 288 -8.56 14.69 -7.61
C ASN A 288 -9.82 14.84 -6.74
N PHE A 289 -9.66 15.26 -5.48
CA PHE A 289 -10.81 15.35 -4.57
C PHE A 289 -11.04 16.73 -3.95
N ALA A 290 -10.28 17.72 -4.42
CA ALA A 290 -10.48 19.13 -4.04
C ALA A 290 -10.41 19.41 -2.53
N THR A 291 -10.03 18.41 -1.75
CA THR A 291 -9.76 18.56 -0.32
C THR A 291 -8.34 18.05 -0.06
N SER A 292 -7.77 18.48 1.05
CA SER A 292 -6.49 17.99 1.49
C SER A 292 -6.68 16.64 2.15
N LEU A 293 -5.68 15.76 2.03
CA LEU A 293 -5.71 14.49 2.76
C LEU A 293 -5.78 14.79 4.24
N TYR A 294 -4.98 15.77 4.68
CA TYR A 294 -4.99 16.26 6.07
C TYR A 294 -6.41 16.55 6.57
N SER A 295 -7.13 17.43 5.88
CA SER A 295 -8.49 17.78 6.34
C SER A 295 -9.45 16.59 6.41
N MET A 296 -9.32 15.65 5.47
CA MET A 296 -10.17 14.46 5.51
C MET A 296 -9.85 13.55 6.66
N ILE A 297 -8.55 13.37 6.95
CA ILE A 297 -8.15 12.63 8.15
C ILE A 297 -8.64 13.37 9.40
N LYS A 298 -8.40 14.68 9.44
CA LYS A 298 -8.80 15.51 10.58
C LYS A 298 -10.27 15.38 10.88
N GLY A 299 -11.07 15.25 9.83
CA GLY A 299 -12.51 15.12 9.98
C GLY A 299 -12.99 13.74 10.35
N ASP A 300 -12.22 12.71 10.01
CA ASP A 300 -12.68 11.33 10.15
C ASP A 300 -12.19 10.59 11.39
N THR A 301 -11.18 11.13 12.07
CA THR A 301 -10.51 10.41 13.15
C THR A 301 -10.50 11.20 14.46
N SER A 302 -10.25 10.50 15.56
CA SER A 302 -10.29 11.05 16.93
C SER A 302 -9.04 10.80 17.74
N GLY A 303 -8.79 11.67 18.72
CA GLY A 303 -7.81 11.44 19.77
C GLY A 303 -6.34 11.42 19.37
N ASP A 304 -5.58 10.59 20.07
CA ASP A 304 -4.13 10.44 19.82
C ASP A 304 -3.87 9.82 18.44
N TYR A 305 -4.74 8.89 18.07
CA TYR A 305 -4.75 8.29 16.72
C TYR A 305 -4.78 9.39 15.65
N LYS A 306 -5.80 10.26 15.72
CA LYS A 306 -5.88 11.41 14.81
C LYS A 306 -4.61 12.24 14.83
N LYS A 307 -4.08 12.53 16.02
CA LYS A 307 -2.91 13.40 16.11
C LYS A 307 -1.67 12.82 15.42
N ALA A 308 -1.50 11.52 15.62
CA ALA A 308 -0.33 10.83 15.09
C ALA A 308 -0.45 10.75 13.56
N LEU A 309 -1.63 10.43 13.05
CA LEU A 309 -1.85 10.37 11.60
C LEU A 309 -1.56 11.69 10.93
N LEU A 310 -2.02 12.78 11.55
CA LEU A 310 -1.83 14.12 11.01
C LEU A 310 -0.36 14.51 10.98
N LEU A 311 0.41 14.08 11.98
CA LEU A 311 1.84 14.37 12.01
C LEU A 311 2.60 13.59 10.93
N LEU A 312 2.14 12.36 10.68
CA LEU A 312 2.73 11.51 9.68
C LEU A 312 2.47 12.05 8.27
N CYS A 313 1.25 12.55 8.05
CA CYS A 313 0.80 13.03 6.73
C CYS A 313 1.35 14.39 6.36
N GLY A 314 1.19 15.32 7.30
CA GLY A 314 1.50 16.73 7.04
C GLY A 314 0.58 17.30 5.97
N GLY A 315 0.99 18.43 5.39
CA GLY A 315 0.27 19.04 4.27
C GLY A 315 -0.98 19.77 4.70
N GLU A 316 -0.87 20.47 5.82
CA GLU A 316 -1.94 21.31 6.36
C GLU A 316 -2.63 22.16 5.27
N ASP A 317 -1.82 22.86 4.49
CA ASP A 317 -2.30 23.76 3.45
C ASP A 317 -2.03 23.21 2.04
N ASP A 318 -2.27 21.92 1.85
CA ASP A 318 -2.18 21.32 0.52
C ASP A 318 -3.23 21.92 -0.42
CA CA B . -17.32 -9.38 -24.29
CA CA C . 2.59 2.98 32.66
CA CA D . -18.89 -5.10 -13.49
CA CA E . -15.95 8.70 7.26
CA CA F . -2.98 -2.80 24.33
CA CA G . -2.50 9.29 29.55
CA CA H . -16.10 -15.88 -21.48
S SO4 I . -19.79 -10.19 -22.70
O1 SO4 I . -18.62 -9.57 -22.08
O2 SO4 I . -20.13 -11.46 -22.07
O3 SO4 I . -20.99 -9.36 -22.53
O4 SO4 I . -19.50 -10.41 -24.12
S SO4 J . 6.90 -0.07 35.18
O1 SO4 J . 6.92 0.21 33.75
O2 SO4 J . 8.21 0.01 35.78
O3 SO4 J . 6.01 0.89 35.83
O4 SO4 J . 6.38 -1.44 35.32
S SO4 K . -10.76 14.59 19.28
O1 SO4 K . -11.20 13.45 18.50
O2 SO4 K . -9.65 15.25 18.62
O3 SO4 K . -11.87 15.52 19.43
O4 SO4 K . -10.32 14.11 20.59
S SO4 L . 2.75 -0.62 -11.53
O1 SO4 L . 2.90 -1.00 -10.12
O2 SO4 L . 1.35 -0.72 -11.89
O3 SO4 L . 3.24 0.73 -11.81
O4 SO4 L . 3.51 -1.56 -12.36
O3 N2O M . -11.64 -7.39 -19.05
N2 N2O M . -11.18 -8.44 -18.72
N1 N2O M . -10.71 -9.44 -18.43
O3 N2O N . 2.00 -0.21 20.43
N2 N2O N . 2.96 -0.73 19.95
N1 N2O N . 3.87 -1.23 19.48
#